data_3QI5
#
_entry.id   3QI5
#
_cell.length_a   41.226
_cell.length_b   41.220
_cell.length_c   82.144
_cell.angle_alpha   81.23
_cell.angle_beta   88.40
_cell.angle_gamma   89.15
#
_symmetry.space_group_name_H-M   'P 1'
#
loop_
_entity.id
_entity.type
_entity.pdbx_description
1 polymer 'DNA-3-methyladenine glycosylase'
2 polymer "DNA (5'-D(*GP*AP*CP*AP*TP*GP*(EDC)P*TP*TP*GP*CP*CP*T)-3')"
3 polymer "DNA (5'-D(*GP*GP*CP*AP*AP*GP*CP*AP*TP*GP*TP*CP*A)-3')"
4 non-polymer 'MANGANESE (II) ION'
5 water water
#
loop_
_entity_poly.entity_id
_entity_poly.type
_entity_poly.pdbx_seq_one_letter_code
_entity_poly.pdbx_strand_id
1 'polypeptide(L)'
;GPHMTRLGLEFFDQPAVPLARAFLGQVLVRRLPNGTELRGRIVETEAYLGPEDEAAHSRGGRQTPRNRGMFMKPGTLYVY
IIYGMYFCMNISSQGDGACVLLRALEPLEGLETMRQLRSTLRKGTASRVLKDRELCSGPSKLCQALAINKSFDQRDLAQD
EAVWLERGPLEPSEPAVVAAARVGVGHAGEWARKPLRFYVRGSPWVSVVDRVAEQDTQA
;
A,B
2 'polydeoxyribonucleotide' (DG)(DA)(DC)(DA)(DT)(DG)(EDC)(DT)(DT)(DG)(DC)(DC)(DT) C,E
3 'polydeoxyribonucleotide' (DG)(DG)(DC)(DA)(DA)(DG)(DC)(DA)(DT)(DG)(DT)(DC)(DA) D,F
#
# COMPACT_ATOMS: atom_id res chain seq x y z
N GLY A 1 -5.41 14.46 18.29
CA GLY A 1 -5.40 15.13 16.96
C GLY A 1 -6.75 15.14 16.27
N PRO A 2 -6.84 15.79 15.10
CA PRO A 2 -8.10 15.84 14.35
C PRO A 2 -8.41 14.52 13.67
N HIS A 3 -9.68 14.26 13.41
CA HIS A 3 -10.08 13.12 12.59
C HIS A 3 -9.70 13.45 11.14
N MET A 4 -8.67 12.77 10.65
CA MET A 4 -8.13 13.07 9.33
C MET A 4 -8.58 12.04 8.30
N THR A 5 -9.34 12.52 7.32
CA THR A 5 -9.77 11.70 6.19
C THR A 5 -8.80 11.93 5.04
N ARG A 6 -9.15 11.39 3.87
CA ARG A 6 -8.43 11.68 2.64
C ARG A 6 -9.41 11.99 1.53
N LEU A 7 -9.01 12.85 0.61
CA LEU A 7 -9.85 13.19 -0.54
C LEU A 7 -9.92 12.02 -1.50
N GLY A 8 -11.14 11.63 -1.86
CA GLY A 8 -11.35 10.46 -2.70
C GLY A 8 -11.79 10.79 -4.12
N LEU A 9 -12.42 9.81 -4.76
CA LEU A 9 -12.85 9.89 -6.16
C LEU A 9 -13.76 11.09 -6.44
N GLU A 10 -14.59 11.45 -5.46
CA GLU A 10 -15.50 12.59 -5.56
C GLU A 10 -14.76 13.90 -5.88
N PHE A 11 -13.56 14.04 -5.30
CA PHE A 11 -12.74 15.23 -5.47
C PHE A 11 -12.01 15.23 -6.82
N PHE A 12 -11.41 14.09 -7.18
CA PHE A 12 -10.61 13.98 -8.39
C PHE A 12 -11.44 13.95 -9.68
N ASP A 13 -12.71 13.54 -9.56
CA ASP A 13 -13.58 13.38 -10.73
C ASP A 13 -14.28 14.68 -11.14
N GLN A 14 -13.48 15.61 -11.67
CA GLN A 14 -13.98 16.84 -12.27
C GLN A 14 -13.01 17.28 -13.36
N PRO A 15 -13.48 18.10 -14.32
CA PRO A 15 -12.63 18.55 -15.43
C PRO A 15 -11.29 19.15 -14.96
N ALA A 16 -10.28 19.09 -15.84
CA ALA A 16 -8.92 19.51 -15.50
C ALA A 16 -8.83 20.90 -14.86
N VAL A 17 -9.46 21.90 -15.48
CA VAL A 17 -9.44 23.27 -14.97
C VAL A 17 -10.01 23.38 -13.55
N PRO A 18 -11.27 22.93 -13.33
CA PRO A 18 -11.78 22.92 -11.95
C PRO A 18 -10.88 22.17 -10.96
N LEU A 19 -10.35 21.02 -11.37
CA LEU A 19 -9.48 20.22 -10.48
C LEU A 19 -8.19 20.96 -10.14
N ALA A 20 -7.52 21.52 -11.14
CA ALA A 20 -6.30 22.30 -10.93
C ALA A 20 -6.50 23.43 -9.93
N ARG A 21 -7.65 24.11 -10.02
CA ARG A 21 -8.02 25.17 -9.09
C ARG A 21 -8.33 24.63 -7.70
N ALA A 22 -9.04 23.50 -7.65
CA ALA A 22 -9.47 22.88 -6.39
C ALA A 22 -8.31 22.33 -5.57
N PHE A 23 -7.24 21.95 -6.26
CA PHE A 23 -6.00 21.47 -5.63
C PHE A 23 -5.34 22.51 -4.74
N LEU A 24 -5.50 23.78 -5.10
CA LEU A 24 -4.87 24.88 -4.36
C LEU A 24 -5.36 24.92 -2.91
N GLY A 25 -4.40 24.87 -1.99
CA GLY A 25 -4.71 24.85 -0.57
C GLY A 25 -4.75 23.47 0.04
N GLN A 26 -4.91 22.44 -0.79
CA GLN A 26 -4.94 21.06 -0.31
C GLN A 26 -3.55 20.59 0.09
N VAL A 27 -3.50 19.62 1.00
CA VAL A 27 -2.24 19.16 1.58
C VAL A 27 -1.87 17.77 1.08
N LEU A 28 -0.78 17.71 0.33
CA LEU A 28 -0.22 16.44 -0.16
C LEU A 28 0.62 15.79 0.93
N VAL A 29 0.35 14.52 1.21
CA VAL A 29 1.05 13.79 2.25
C VAL A 29 1.80 12.57 1.70
N ARG A 30 3.04 12.41 2.14
CA ARG A 30 3.85 11.27 1.75
C ARG A 30 4.39 10.59 3.01
N ARG A 31 4.19 9.29 3.13
CA ARG A 31 4.79 8.52 4.21
C ARG A 31 5.93 7.67 3.67
N LEU A 32 7.12 7.88 4.22
CA LEU A 32 8.32 7.17 3.81
C LEU A 32 8.41 5.80 4.49
N PRO A 33 9.24 4.89 3.94
CA PRO A 33 9.47 3.57 4.54
C PRO A 33 9.94 3.60 6.01
N ASN A 34 10.61 4.68 6.41
CA ASN A 34 11.12 4.81 7.77
C ASN A 34 10.10 5.32 8.80
N GLY A 35 8.90 5.68 8.32
CA GLY A 35 7.83 6.17 9.19
C GLY A 35 7.64 7.67 9.16
N THR A 36 8.58 8.37 8.54
CA THR A 36 8.56 9.83 8.45
C THR A 36 7.43 10.28 7.51
N GLU A 37 6.60 11.20 8.00
CA GLU A 37 5.55 11.79 7.18
C GLU A 37 5.96 13.17 6.68
N LEU A 38 5.75 13.40 5.39
CA LEU A 38 6.08 14.68 4.77
C LEU A 38 4.79 15.36 4.32
N ARG A 39 4.66 16.65 4.60
CA ARG A 39 3.48 17.41 4.21
C ARG A 39 3.81 18.70 3.48
N GLY A 40 3.03 18.99 2.44
CA GLY A 40 3.18 20.21 1.66
C GLY A 40 1.83 20.68 1.12
N ARG A 41 1.58 21.97 1.24
CA ARG A 41 0.33 22.57 0.77
C ARG A 41 0.48 23.07 -0.66
N ILE A 42 -0.40 22.61 -1.54
CA ILE A 42 -0.32 22.93 -2.97
C ILE A 42 -0.68 24.40 -3.24
N VAL A 43 0.23 25.11 -3.90
CA VAL A 43 0.04 26.53 -4.23
C VAL A 43 0.09 26.83 -5.72
N GLU A 44 0.51 25.86 -6.53
CA GLU A 44 0.61 26.05 -7.98
C GLU A 44 0.33 24.75 -8.76
N THR A 45 -0.57 24.84 -9.73
CA THR A 45 -0.93 23.70 -10.59
C THR A 45 -1.04 24.11 -12.06
N GLU A 46 -1.11 23.11 -12.93
CA GLU A 46 -1.34 23.31 -14.36
C GLU A 46 -2.33 22.30 -14.89
N ALA A 47 -3.26 22.75 -15.73
CA ALA A 47 -4.25 21.88 -16.37
C ALA A 47 -3.81 21.48 -17.78
N TYR A 48 -3.87 20.19 -18.07
CA TYR A 48 -3.65 19.69 -19.43
C TYR A 48 -4.93 19.05 -19.95
N LEU A 49 -5.48 19.65 -21.00
CA LEU A 49 -6.89 19.47 -21.35
C LEU A 49 -7.26 18.23 -22.17
N GLY A 50 -6.29 17.67 -22.89
CA GLY A 50 -6.53 16.47 -23.67
C GLY A 50 -6.12 16.58 -25.13
N PRO A 51 -6.88 15.92 -26.03
CA PRO A 51 -6.56 15.78 -27.45
C PRO A 51 -6.37 17.09 -28.22
N GLU A 52 -7.09 18.14 -27.83
CA GLU A 52 -6.99 19.44 -28.49
C GLU A 52 -5.79 20.22 -27.97
N ASP A 53 -5.40 19.95 -26.73
CA ASP A 53 -4.28 20.62 -26.06
C ASP A 53 -2.95 20.19 -26.68
N GLU A 54 -2.36 21.09 -27.48
CA GLU A 54 -1.13 20.78 -28.23
C GLU A 54 0.12 20.67 -27.35
N ALA A 55 0.01 21.07 -26.08
CA ALA A 55 1.11 20.97 -25.12
C ALA A 55 1.09 19.67 -24.33
N ALA A 56 -0.07 19.01 -24.25
CA ALA A 56 -0.23 17.79 -23.47
C ALA A 56 0.31 16.56 -24.19
N HIS A 57 0.77 15.57 -23.43
CA HIS A 57 1.26 14.30 -24.00
C HIS A 57 0.14 13.50 -24.67
N SER A 58 -1.10 13.91 -24.42
CA SER A 58 -2.27 13.24 -24.97
C SER A 58 -2.83 13.98 -26.19
N ARG A 59 -2.04 14.90 -26.76
CA ARG A 59 -2.43 15.66 -27.95
C ARG A 59 -2.87 14.74 -29.09
N GLY A 60 -4.00 15.07 -29.72
CA GLY A 60 -4.56 14.27 -30.80
C GLY A 60 -5.01 12.88 -30.38
N GLY A 61 -5.17 12.68 -29.07
CA GLY A 61 -5.59 11.38 -28.53
C GLY A 61 -4.51 10.32 -28.53
N ARG A 62 -3.26 10.75 -28.63
CA ARG A 62 -2.10 9.85 -28.61
C ARG A 62 -1.95 9.15 -27.27
N GLN A 63 -1.98 7.82 -27.30
CA GLN A 63 -1.75 7.03 -26.10
C GLN A 63 -0.53 6.14 -26.27
N THR A 64 0.50 6.44 -25.47
CA THR A 64 1.78 5.74 -25.55
C THR A 64 2.02 4.96 -24.25
N PRO A 65 3.03 4.07 -24.23
CA PRO A 65 3.35 3.31 -23.01
C PRO A 65 3.61 4.20 -21.78
N ARG A 66 4.07 5.42 -22.02
CA ARG A 66 4.42 6.36 -20.95
C ARG A 66 3.20 7.04 -20.32
N ASN A 67 2.30 7.56 -21.16
CA ASN A 67 1.25 8.47 -20.69
C ASN A 67 -0.08 7.81 -20.28
N ARG A 68 -0.06 6.49 -20.07
CA ARG A 68 -1.29 5.74 -19.81
C ARG A 68 -2.08 6.23 -18.60
N GLY A 69 -1.39 6.75 -17.59
CA GLY A 69 -2.03 7.35 -16.42
C GLY A 69 -3.06 8.43 -16.76
N MET A 70 -2.81 9.16 -17.84
CA MET A 70 -3.70 10.24 -18.30
C MET A 70 -5.04 9.71 -18.82
N PHE A 71 -5.07 8.44 -19.20
CA PHE A 71 -6.26 7.81 -19.75
C PHE A 71 -6.90 6.84 -18.77
N MET A 72 -6.37 6.82 -17.55
CA MET A 72 -6.93 6.00 -16.47
C MET A 72 -7.82 6.85 -15.57
N LYS A 73 -8.60 6.20 -14.72
CA LYS A 73 -9.63 6.85 -13.90
C LYS A 73 -9.12 8.08 -13.13
N PRO A 74 -10.00 9.10 -12.92
CA PRO A 74 -9.59 10.28 -12.17
C PRO A 74 -8.99 9.92 -10.81
N GLY A 75 -7.85 10.53 -10.49
CA GLY A 75 -7.11 10.21 -9.27
C GLY A 75 -5.84 9.42 -9.52
N THR A 76 -5.72 8.87 -10.73
CA THR A 76 -4.54 8.07 -11.10
C THR A 76 -3.33 8.97 -11.31
N LEU A 77 -2.19 8.55 -10.75
CA LEU A 77 -0.96 9.31 -10.87
C LEU A 77 -0.28 9.05 -12.21
N TYR A 78 0.17 10.13 -12.85
CA TYR A 78 1.03 10.03 -14.02
C TYR A 78 2.37 10.65 -13.65
N VAL A 79 3.37 9.79 -13.43
CA VAL A 79 4.71 10.24 -13.09
C VAL A 79 5.67 9.84 -14.21
N TYR A 80 6.30 10.84 -14.81
CA TYR A 80 7.23 10.59 -15.91
C TYR A 80 8.55 11.30 -15.73
N ILE A 81 9.58 10.79 -16.40
CA ILE A 81 10.93 11.34 -16.34
C ILE A 81 11.11 12.38 -17.44
N ILE A 82 11.51 13.59 -17.03
CA ILE A 82 11.77 14.69 -17.96
C ILE A 82 13.24 15.08 -17.91
N TYR A 83 13.80 15.44 -19.07
CA TYR A 83 15.23 15.77 -19.22
C TYR A 83 16.18 14.69 -18.69
N GLY A 84 15.68 13.45 -18.62
CA GLY A 84 16.48 12.29 -18.27
C GLY A 84 16.82 12.09 -16.80
N MET A 85 16.40 13.04 -15.95
CA MET A 85 16.84 13.05 -14.55
C MET A 85 15.83 13.63 -13.56
N TYR A 86 14.72 14.17 -14.07
CA TYR A 86 13.71 14.81 -13.23
C TYR A 86 12.35 14.18 -13.39
N PHE A 87 11.53 14.27 -12.33
CA PHE A 87 10.18 13.70 -12.35
C PHE A 87 9.11 14.78 -12.35
N CYS A 88 8.00 14.51 -13.02
CA CYS A 88 6.82 15.36 -12.96
C CYS A 88 5.63 14.55 -12.48
N MET A 89 4.95 15.04 -11.46
CA MET A 89 3.81 14.34 -10.86
C MET A 89 2.50 14.93 -11.36
N ASN A 90 1.77 14.16 -12.16
CA ASN A 90 0.46 14.55 -12.64
C ASN A 90 -0.65 13.69 -12.03
N ILE A 91 -1.85 14.26 -11.96
CA ILE A 91 -3.02 13.52 -11.49
C ILE A 91 -4.10 13.58 -12.56
N SER A 92 -4.55 12.40 -12.98
CA SER A 92 -5.63 12.28 -13.96
C SER A 92 -6.92 12.92 -13.45
N SER A 93 -7.54 13.72 -14.30
CA SER A 93 -8.82 14.35 -14.00
C SER A 93 -9.92 13.68 -14.82
N GLN A 94 -11.15 14.17 -14.68
CA GLN A 94 -12.24 13.76 -15.56
C GLN A 94 -11.99 14.35 -16.95
N GLY A 95 -12.22 13.54 -17.98
CA GLY A 95 -12.04 13.98 -19.36
C GLY A 95 -10.92 13.23 -20.07
N ASP A 96 -11.20 12.81 -21.30
CA ASP A 96 -10.28 12.02 -22.12
C ASP A 96 -8.88 12.63 -22.20
N GLY A 97 -7.90 11.92 -21.64
CA GLY A 97 -6.50 12.33 -21.67
C GLY A 97 -6.18 13.59 -20.89
N ALA A 98 -7.04 13.93 -19.93
CA ALA A 98 -6.86 15.13 -19.12
C ALA A 98 -6.20 14.87 -17.77
N CYS A 99 -5.27 15.73 -17.39
CA CYS A 99 -4.58 15.61 -16.10
C CYS A 99 -4.15 16.97 -15.53
N VAL A 100 -3.65 16.94 -14.30
CA VAL A 100 -3.19 18.14 -13.60
C VAL A 100 -1.76 17.95 -13.08
N LEU A 101 -0.86 18.84 -13.48
CA LEU A 101 0.50 18.86 -12.97
C LEU A 101 0.59 19.64 -11.66
N LEU A 102 1.20 19.05 -10.64
CA LEU A 102 1.52 19.77 -9.41
C LEU A 102 2.85 20.48 -9.59
N ARG A 103 2.85 21.79 -9.39
CA ARG A 103 4.03 22.60 -9.67
C ARG A 103 4.78 23.12 -8.45
N ALA A 104 4.06 23.35 -7.34
CA ALA A 104 4.69 23.91 -6.14
C ALA A 104 3.94 23.63 -4.85
N LEU A 105 4.69 23.50 -3.76
CA LEU A 105 4.13 23.26 -2.42
C LEU A 105 4.71 24.20 -1.38
N GLU A 106 3.89 24.58 -0.41
CA GLU A 106 4.41 25.16 0.83
C GLU A 106 4.74 24.00 1.75
N PRO A 107 6.04 23.79 2.05
CA PRO A 107 6.44 22.70 2.94
C PRO A 107 5.93 22.94 4.36
N LEU A 108 5.29 21.93 4.95
CA LEU A 108 4.63 22.08 6.24
C LEU A 108 5.21 21.18 7.33
N GLU A 109 5.68 20.00 6.95
CA GLU A 109 6.18 19.00 7.89
C GLU A 109 7.26 18.13 7.25
N GLY A 110 8.32 17.87 8.02
CA GLY A 110 9.41 17.01 7.57
C GLY A 110 10.38 17.73 6.67
N LEU A 111 10.60 19.02 6.94
CA LEU A 111 11.44 19.88 6.10
C LEU A 111 12.91 19.48 6.07
N GLU A 112 13.41 18.91 7.18
CA GLU A 112 14.80 18.46 7.24
C GLU A 112 15.04 17.22 6.39
N THR A 113 14.05 16.34 6.33
CA THR A 113 14.10 15.17 5.44
C THR A 113 14.04 15.63 3.98
N MET A 114 13.19 16.62 3.71
CA MET A 114 13.10 17.24 2.38
C MET A 114 14.44 17.81 1.93
N ARG A 115 15.13 18.50 2.85
CA ARG A 115 16.41 19.15 2.56
C ARG A 115 17.51 18.13 2.27
N GLN A 116 17.42 16.96 2.91
CA GLN A 116 18.33 15.85 2.64
C GLN A 116 18.06 15.26 1.27
N LEU A 117 16.79 14.94 1.01
CA LEU A 117 16.36 14.40 -0.29
C LEU A 117 16.66 15.32 -1.46
N ARG A 118 16.64 16.63 -1.22
CA ARG A 118 16.91 17.63 -2.26
C ARG A 118 18.39 17.89 -2.51
N SER A 119 19.23 17.68 -1.49
CA SER A 119 20.66 17.99 -1.59
C SER A 119 21.58 16.78 -1.46
N THR A 120 21.35 15.95 -0.44
CA THR A 120 22.24 14.82 -0.15
C THR A 120 22.16 13.69 -1.19
N LEU A 121 21.00 13.55 -1.84
CA LEU A 121 20.82 12.48 -2.83
C LEU A 121 21.27 12.87 -4.23
N ARG A 122 21.12 14.15 -4.58
CA ARG A 122 21.54 14.64 -5.90
C ARG A 122 22.03 16.09 -5.86
N LYS A 123 23.12 16.35 -6.57
CA LYS A 123 23.73 17.69 -6.69
C LYS A 123 23.98 18.37 -5.34
N VAL A 129 23.68 25.29 2.18
CA VAL A 129 22.35 25.12 2.74
C VAL A 129 21.27 25.56 1.75
N LEU A 130 20.32 24.67 1.50
CA LEU A 130 19.15 25.00 0.69
C LEU A 130 18.11 25.68 1.55
N LYS A 131 17.65 26.85 1.12
CA LYS A 131 16.61 27.59 1.82
C LYS A 131 15.27 26.88 1.64
N ASP A 132 14.37 27.08 2.61
CA ASP A 132 13.02 26.50 2.59
C ASP A 132 12.29 26.74 1.26
N ARG A 133 12.56 27.89 0.64
CA ARG A 133 11.95 28.27 -0.64
C ARG A 133 12.42 27.41 -1.82
N GLU A 134 13.58 26.76 -1.67
CA GLU A 134 14.15 25.95 -2.75
C GLU A 134 13.69 24.49 -2.69
N LEU A 135 13.00 24.13 -1.62
CA LEU A 135 12.60 22.74 -1.37
C LEU A 135 11.57 22.22 -2.36
N CYS A 136 10.48 22.97 -2.54
CA CYS A 136 9.33 22.50 -3.32
C CYS A 136 8.84 23.48 -4.38
N SER A 137 9.69 24.45 -4.74
CA SER A 137 9.30 25.49 -5.69
C SER A 137 9.54 25.08 -7.14
N GLY A 138 8.91 23.98 -7.55
CA GLY A 138 9.06 23.43 -8.89
C GLY A 138 8.56 22.00 -8.93
N PRO A 139 8.01 21.57 -10.09
CA PRO A 139 7.40 20.24 -10.21
C PRO A 139 8.38 19.09 -9.91
N SER A 140 9.64 19.27 -10.29
CA SER A 140 10.66 18.24 -10.09
C SER A 140 11.37 18.38 -8.74
N LYS A 141 11.42 19.60 -8.23
CA LYS A 141 11.92 19.86 -6.88
C LYS A 141 11.03 19.18 -5.85
N LEU A 142 9.72 19.32 -6.03
CA LEU A 142 8.74 18.74 -5.09
C LEU A 142 8.76 17.22 -5.13
N CYS A 143 8.98 16.65 -6.32
CA CYS A 143 9.11 15.20 -6.47
C CYS A 143 10.33 14.68 -5.72
N GLN A 144 11.45 15.40 -5.81
CA GLN A 144 12.65 15.09 -5.04
C GLN A 144 12.42 15.18 -3.53
N ALA A 145 11.80 16.28 -3.10
CA ALA A 145 11.55 16.53 -1.68
C ALA A 145 10.56 15.55 -1.04
N LEU A 146 9.65 15.02 -1.87
CA LEU A 146 8.62 14.09 -1.39
C LEU A 146 8.95 12.63 -1.73
N ALA A 147 10.14 12.39 -2.27
CA ALA A 147 10.59 11.05 -2.71
C ALA A 147 9.64 10.40 -3.72
N ILE A 148 9.13 11.21 -4.64
CA ILE A 148 8.29 10.73 -5.74
C ILE A 148 9.19 10.33 -6.90
N ASN A 149 9.01 9.11 -7.39
CA ASN A 149 9.66 8.66 -8.62
C ASN A 149 8.70 7.84 -9.47
N LYS A 150 9.21 7.18 -10.49
CA LYS A 150 8.40 6.45 -11.46
C LYS A 150 7.62 5.26 -10.87
N SER A 151 8.07 4.74 -9.73
CA SER A 151 7.36 3.67 -9.03
C SER A 151 5.97 4.13 -8.55
N PHE A 152 5.76 5.45 -8.57
CA PHE A 152 4.47 6.04 -8.22
C PHE A 152 3.54 6.19 -9.43
N ASP A 153 4.07 5.94 -10.62
CA ASP A 153 3.28 6.01 -11.86
C ASP A 153 2.11 5.03 -11.82
N GLN A 154 0.95 5.51 -12.25
CA GLN A 154 -0.28 4.71 -12.39
C GLN A 154 -0.90 4.23 -11.07
N ARG A 155 -0.40 4.74 -9.94
CA ARG A 155 -1.01 4.49 -8.64
C ARG A 155 -2.22 5.39 -8.44
N ASP A 156 -3.10 5.01 -7.51
CA ASP A 156 -4.32 5.76 -7.23
C ASP A 156 -4.13 6.64 -6.00
N LEU A 157 -4.23 7.95 -6.19
CA LEU A 157 -4.04 8.91 -5.10
C LEU A 157 -5.17 8.89 -4.07
N ALA A 158 -6.30 8.28 -4.43
CA ALA A 158 -7.44 8.16 -3.51
C ALA A 158 -7.35 6.93 -2.59
N GLN A 159 -6.47 5.99 -2.92
CA GLN A 159 -6.43 4.71 -2.22
C GLN A 159 -5.07 4.31 -1.65
N ASP A 160 -4.00 4.91 -2.19
CA ASP A 160 -2.62 4.54 -1.84
C ASP A 160 -2.24 4.85 -0.39
N GLU A 161 -1.51 3.93 0.24
CA GLU A 161 -1.13 4.07 1.65
C GLU A 161 0.25 4.72 1.87
N ALA A 162 0.91 5.12 0.78
CA ALA A 162 2.19 5.81 0.88
C ALA A 162 2.08 7.29 0.50
N VAL A 163 1.04 7.62 -0.27
CA VAL A 163 0.81 8.99 -0.72
C VAL A 163 -0.69 9.28 -0.78
N TRP A 164 -1.09 10.40 -0.19
CA TRP A 164 -2.50 10.80 -0.21
C TRP A 164 -2.70 12.31 -0.13
N LEU A 165 -3.95 12.72 -0.27
CA LEU A 165 -4.32 14.12 -0.20
C LEU A 165 -5.34 14.32 0.91
N GLU A 166 -4.96 15.10 1.92
N GLU A 166 -4.95 15.10 1.92
CA GLU A 166 -5.88 15.48 2.98
CA GLU A 166 -5.86 15.51 2.98
C GLU A 166 -6.39 16.89 2.70
C GLU A 166 -6.41 16.89 2.65
N ARG A 167 -7.64 17.16 3.06
CA ARG A 167 -8.25 18.47 2.83
C ARG A 167 -7.56 19.55 3.69
N GLY A 168 -7.32 20.70 3.08
CA GLY A 168 -6.62 21.80 3.75
C GLY A 168 -7.55 22.77 4.45
N PRO A 169 -7.11 23.30 5.60
CA PRO A 169 -7.89 24.29 6.34
C PRO A 169 -7.92 25.65 5.65
N LEU A 170 -6.84 26.01 4.96
CA LEU A 170 -6.70 27.32 4.32
C LEU A 170 -6.75 27.23 2.79
N GLU A 171 -7.93 27.45 2.24
CA GLU A 171 -8.14 27.40 0.79
C GLU A 171 -8.41 28.79 0.23
N PRO A 172 -7.84 29.11 -0.94
CA PRO A 172 -8.10 30.42 -1.56
C PRO A 172 -9.48 30.47 -2.22
N SER A 173 -10.06 31.66 -2.26
CA SER A 173 -11.33 31.88 -2.96
C SER A 173 -11.06 32.38 -4.38
N GLU A 174 -12.13 32.55 -5.15
CA GLU A 174 -12.07 32.98 -6.55
C GLU A 174 -11.07 34.12 -6.88
N PRO A 175 -11.11 35.25 -6.14
CA PRO A 175 -10.23 36.36 -6.50
C PRO A 175 -8.75 36.14 -6.13
N ALA A 176 -8.47 35.16 -5.28
CA ALA A 176 -7.10 34.89 -4.82
C ALA A 176 -6.31 33.95 -5.73
N VAL A 177 -6.93 33.54 -6.83
CA VAL A 177 -6.30 32.60 -7.77
C VAL A 177 -5.88 33.31 -9.06
N VAL A 178 -4.58 33.27 -9.35
CA VAL A 178 -4.03 33.84 -10.57
C VAL A 178 -4.04 32.80 -11.69
N ALA A 179 -4.76 33.11 -12.77
CA ALA A 179 -4.75 32.28 -13.97
C ALA A 179 -3.73 32.83 -14.96
N ALA A 180 -2.68 32.05 -15.22
CA ALA A 180 -1.57 32.50 -16.05
C ALA A 180 -1.17 31.45 -17.10
N ALA A 181 -0.31 31.86 -18.03
CA ALA A 181 0.24 30.96 -19.05
C ALA A 181 1.09 29.87 -18.40
N ARG A 182 1.12 28.69 -19.04
CA ARG A 182 1.87 27.55 -18.53
C ARG A 182 3.38 27.70 -18.75
N VAL A 183 4.16 26.99 -17.95
CA VAL A 183 5.62 27.05 -18.00
C VAL A 183 6.19 25.98 -18.93
N GLY A 184 7.12 26.39 -19.78
CA GLY A 184 7.89 25.46 -20.63
C GLY A 184 7.11 24.70 -21.67
N VAL A 185 6.03 25.30 -22.17
CA VAL A 185 5.20 24.68 -23.21
C VAL A 185 5.24 25.47 -24.51
N GLU A 190 -0.97 29.18 -29.57
CA GLU A 190 -2.21 29.41 -28.83
C GLU A 190 -2.21 28.68 -27.48
N TRP A 191 -1.92 27.38 -27.51
CA TRP A 191 -1.94 26.55 -26.30
C TRP A 191 -0.77 26.85 -25.35
N ALA A 192 0.22 27.58 -25.84
CA ALA A 192 1.34 28.03 -25.01
C ALA A 192 0.95 29.29 -24.23
N ARG A 193 0.01 30.04 -24.79
CA ARG A 193 -0.35 31.37 -24.26
C ARG A 193 -1.62 31.41 -23.40
N LYS A 194 -2.45 30.38 -23.51
CA LYS A 194 -3.71 30.19 -22.81
C LYS A 194 -3.56 30.06 -21.27
N PRO A 195 -4.39 30.74 -20.46
CA PRO A 195 -4.17 30.68 -19.01
C PRO A 195 -4.66 29.38 -18.38
N LEU A 196 -3.78 28.38 -18.32
CA LEU A 196 -4.10 27.09 -17.72
C LEU A 196 -3.17 26.77 -16.54
N ARG A 197 -2.41 27.77 -16.09
CA ARG A 197 -1.63 27.66 -14.87
C ARG A 197 -2.30 28.49 -13.77
N PHE A 198 -2.41 27.91 -12.58
CA PHE A 198 -3.13 28.53 -11.48
C PHE A 198 -2.30 28.51 -10.21
N TYR A 199 -2.11 29.68 -9.61
CA TYR A 199 -1.37 29.78 -8.35
C TYR A 199 -1.94 30.81 -7.37
N VAL A 200 -1.64 30.60 -6.09
CA VAL A 200 -2.08 31.49 -5.02
C VAL A 200 -1.38 32.83 -5.15
N ARG A 201 -2.16 33.90 -5.26
CA ARG A 201 -1.62 35.26 -5.41
C ARG A 201 -0.80 35.66 -4.18
N GLY A 202 0.44 36.09 -4.44
CA GLY A 202 1.31 36.61 -3.39
C GLY A 202 2.08 35.56 -2.62
N SER A 203 1.86 34.29 -2.94
CA SER A 203 2.56 33.18 -2.27
C SER A 203 4.04 33.20 -2.62
N PRO A 204 4.91 33.11 -1.58
CA PRO A 204 6.35 33.06 -1.81
C PRO A 204 6.85 31.66 -2.20
N TRP A 205 5.95 30.68 -2.19
CA TRP A 205 6.33 29.29 -2.46
C TRP A 205 6.10 28.86 -3.91
N VAL A 206 5.47 29.74 -4.70
CA VAL A 206 5.23 29.51 -6.13
C VAL A 206 6.56 29.50 -6.90
N SER A 207 6.63 28.67 -7.94
CA SER A 207 7.85 28.50 -8.73
C SER A 207 8.18 29.72 -9.59
N VAL A 208 7.23 30.14 -10.42
CA VAL A 208 7.41 31.30 -11.30
C VAL A 208 6.26 32.28 -11.13
N VAL A 209 6.59 33.52 -10.82
CA VAL A 209 5.60 34.57 -10.71
C VAL A 209 5.37 35.19 -12.09
N ASP A 210 4.10 35.29 -12.48
CA ASP A 210 3.73 35.99 -13.71
C ASP A 210 3.26 37.40 -13.35
N ARG A 211 4.19 38.34 -13.40
CA ARG A 211 3.93 39.73 -12.98
C ARG A 211 3.03 40.49 -13.96
N VAL A 212 2.76 39.88 -15.12
CA VAL A 212 1.88 40.48 -16.12
C VAL A 212 0.44 39.98 -15.94
N ALA A 213 0.29 38.70 -15.59
CA ALA A 213 -1.03 38.10 -15.37
C ALA A 213 -1.65 38.50 -14.04
N GLU A 214 -0.85 39.09 -13.16
CA GLU A 214 -1.34 39.63 -11.89
C GLU A 214 -1.86 41.06 -12.06
N GLN A 215 -1.02 41.94 -12.61
CA GLN A 215 -1.41 43.32 -12.89
C GLN A 215 -2.23 43.41 -14.17
N GLY B 1 23.45 -5.67 2.20
CA GLY B 1 22.44 -6.74 2.44
C GLY B 1 22.19 -7.62 1.23
N PRO B 2 21.36 -8.67 1.40
CA PRO B 2 21.08 -9.60 0.32
C PRO B 2 20.09 -9.04 -0.70
N HIS B 3 20.17 -9.55 -1.93
CA HIS B 3 19.23 -9.23 -3.00
C HIS B 3 17.87 -9.78 -2.58
N MET B 4 17.03 -8.91 -2.02
CA MET B 4 15.77 -9.37 -1.47
C MET B 4 14.60 -9.29 -2.43
N THR B 5 13.87 -10.40 -2.51
CA THR B 5 12.76 -10.56 -3.44
C THR B 5 11.49 -10.79 -2.64
N ARG B 6 10.36 -10.86 -3.35
CA ARG B 6 9.10 -11.27 -2.73
C ARG B 6 8.42 -12.35 -3.58
N LEU B 7 7.81 -13.32 -2.90
CA LEU B 7 7.12 -14.40 -3.58
C LEU B 7 5.83 -13.90 -4.21
N GLY B 8 5.67 -14.20 -5.50
CA GLY B 8 4.55 -13.67 -6.29
C GLY B 8 3.49 -14.70 -6.63
N LEU B 9 2.67 -14.37 -7.62
CA LEU B 9 1.55 -15.21 -8.06
C LEU B 9 1.96 -16.66 -8.35
N GLU B 10 3.15 -16.83 -8.92
CA GLU B 10 3.69 -18.16 -9.26
C GLU B 10 3.73 -19.11 -8.06
N PHE B 11 4.08 -18.56 -6.89
CA PHE B 11 4.17 -19.34 -5.65
C PHE B 11 2.78 -19.69 -5.10
N PHE B 12 1.88 -18.70 -5.08
CA PHE B 12 0.56 -18.88 -4.50
C PHE B 12 -0.40 -19.69 -5.38
N ASP B 13 -0.15 -19.73 -6.68
CA ASP B 13 -1.01 -20.44 -7.62
C ASP B 13 -0.70 -21.94 -7.71
N GLN B 14 -1.10 -22.65 -6.66
CA GLN B 14 -1.06 -24.11 -6.62
C GLN B 14 -2.13 -24.59 -5.62
N PRO B 15 -2.59 -25.85 -5.75
CA PRO B 15 -3.63 -26.38 -4.86
C PRO B 15 -3.32 -26.17 -3.37
N ALA B 16 -4.38 -26.12 -2.56
CA ALA B 16 -4.28 -25.82 -1.12
C ALA B 16 -3.24 -26.65 -0.37
N VAL B 17 -3.28 -27.96 -0.54
CA VAL B 17 -2.35 -28.87 0.13
C VAL B 17 -0.88 -28.57 -0.24
N PRO B 18 -0.54 -28.57 -1.55
CA PRO B 18 0.81 -28.17 -1.95
C PRO B 18 1.23 -26.80 -1.38
N LEU B 19 0.32 -25.83 -1.41
CA LEU B 19 0.61 -24.48 -0.91
C LEU B 19 0.85 -24.45 0.60
N ALA B 20 -0.01 -25.13 1.36
CA ALA B 20 0.14 -25.23 2.81
C ALA B 20 1.52 -25.77 3.19
N ARG B 21 1.98 -26.77 2.45
CA ARG B 21 3.30 -27.36 2.66
C ARG B 21 4.43 -26.40 2.22
N ALA B 22 4.20 -25.71 1.11
CA ALA B 22 5.19 -24.79 0.52
C ALA B 22 5.49 -23.57 1.40
N PHE B 23 4.47 -23.14 2.15
CA PHE B 23 4.58 -22.02 3.09
C PHE B 23 5.61 -22.27 4.19
N LEU B 24 5.74 -23.53 4.61
CA LEU B 24 6.65 -23.90 5.70
C LEU B 24 8.08 -23.49 5.38
N GLY B 25 8.67 -22.70 6.26
CA GLY B 25 10.03 -22.20 6.07
C GLY B 25 10.10 -20.81 5.45
N GLN B 26 9.03 -20.38 4.78
CA GLN B 26 8.98 -19.05 4.18
C GLN B 26 8.84 -17.98 5.25
N VAL B 27 9.32 -16.78 4.93
CA VAL B 27 9.37 -15.68 5.89
C VAL B 27 8.29 -14.64 5.59
N LEU B 28 7.34 -14.51 6.51
CA LEU B 28 6.30 -13.48 6.43
C LEU B 28 6.81 -12.18 7.00
N VAL B 29 6.65 -11.09 6.23
CA VAL B 29 7.17 -9.79 6.63
C VAL B 29 6.05 -8.76 6.74
N ARG B 30 6.12 -7.96 7.80
CA ARG B 30 5.18 -6.89 8.04
C ARG B 30 5.95 -5.59 8.26
N ARG B 31 5.54 -4.53 7.56
CA ARG B 31 6.08 -3.20 7.82
C ARG B 31 5.00 -2.32 8.45
N LEU B 32 5.28 -1.86 9.66
CA LEU B 32 4.36 -1.02 10.41
C LEU B 32 4.47 0.44 9.97
N PRO B 33 3.44 1.26 10.28
CA PRO B 33 3.47 2.70 9.97
C PRO B 33 4.74 3.41 10.44
N ASN B 34 5.22 3.09 11.64
CA ASN B 34 6.40 3.73 12.23
C ASN B 34 7.74 3.36 11.56
N GLY B 35 7.70 2.42 10.63
CA GLY B 35 8.89 1.98 9.91
C GLY B 35 9.48 0.67 10.40
N THR B 36 8.95 0.15 11.50
CA THR B 36 9.42 -1.09 12.10
C THR B 36 9.03 -2.29 11.24
N GLU B 37 10.01 -3.12 10.92
CA GLU B 37 9.76 -4.35 10.19
C GLU B 37 9.74 -5.56 11.10
N LEU B 38 8.68 -6.36 10.97
CA LEU B 38 8.51 -7.58 11.76
C LEU B 38 8.68 -8.80 10.85
N ARG B 39 9.44 -9.77 11.31
CA ARG B 39 9.66 -10.99 10.54
C ARG B 39 9.40 -12.25 11.34
N GLY B 40 8.73 -13.20 10.68
CA GLY B 40 8.42 -14.49 11.26
C GLY B 40 8.44 -15.58 10.21
N ARG B 41 9.08 -16.70 10.55
CA ARG B 41 9.19 -17.84 9.67
C ARG B 41 8.03 -18.80 9.92
N ILE B 42 7.34 -19.18 8.85
CA ILE B 42 6.15 -20.03 8.94
C ILE B 42 6.51 -21.48 9.28
N VAL B 43 5.91 -22.00 10.35
CA VAL B 43 6.19 -23.35 10.83
C VAL B 43 4.96 -24.27 10.94
N GLU B 44 3.77 -23.68 10.78
CA GLU B 44 2.51 -24.44 10.86
C GLU B 44 1.41 -23.82 9.99
N THR B 45 0.78 -24.66 9.15
CA THR B 45 -0.31 -24.24 8.27
C THR B 45 -1.45 -25.25 8.23
N GLU B 46 -2.59 -24.82 7.70
CA GLU B 46 -3.72 -25.69 7.45
C GLU B 46 -4.30 -25.43 6.06
N ALA B 47 -4.70 -26.51 5.38
CA ALA B 47 -5.36 -26.38 4.07
C ALA B 47 -6.87 -26.48 4.20
N TYR B 48 -7.58 -25.57 3.53
CA TYR B 48 -9.04 -25.65 3.41
C TYR B 48 -9.41 -25.79 1.95
N LEU B 49 -10.05 -26.91 1.61
CA LEU B 49 -10.05 -27.41 0.23
C LEU B 49 -11.18 -26.90 -0.67
N GLY B 50 -12.25 -26.37 -0.08
CA GLY B 50 -13.34 -25.80 -0.87
C GLY B 50 -14.70 -26.41 -0.59
N PRO B 51 -15.54 -26.55 -1.63
CA PRO B 51 -16.94 -26.99 -1.51
C PRO B 51 -17.12 -28.35 -0.82
N GLU B 52 -16.20 -29.28 -1.05
CA GLU B 52 -16.26 -30.62 -0.46
C GLU B 52 -15.86 -30.62 1.01
N ASP B 53 -14.98 -29.70 1.38
CA ASP B 53 -14.47 -29.58 2.74
C ASP B 53 -15.56 -29.06 3.68
N GLU B 54 -16.00 -29.92 4.59
CA GLU B 54 -17.11 -29.60 5.51
C GLU B 54 -16.70 -28.66 6.65
N ALA B 55 -15.39 -28.44 6.80
CA ALA B 55 -14.87 -27.54 7.83
C ALA B 55 -14.70 -26.10 7.33
N ALA B 56 -14.55 -25.94 6.01
CA ALA B 56 -14.28 -24.64 5.40
C ALA B 56 -15.51 -23.74 5.32
N HIS B 57 -15.28 -22.43 5.33
CA HIS B 57 -16.36 -21.45 5.17
C HIS B 57 -16.95 -21.49 3.76
N SER B 58 -16.26 -22.17 2.85
CA SER B 58 -16.72 -22.33 1.48
C SER B 58 -17.46 -23.65 1.27
N ARG B 59 -17.92 -24.26 2.36
CA ARG B 59 -18.76 -25.47 2.35
C ARG B 59 -19.78 -25.44 1.22
N GLY B 60 -19.81 -26.50 0.43
CA GLY B 60 -20.77 -26.64 -0.67
C GLY B 60 -20.89 -25.42 -1.56
N GLY B 61 -19.79 -24.68 -1.69
CA GLY B 61 -19.76 -23.48 -2.53
C GLY B 61 -20.43 -22.24 -1.98
N ARG B 62 -20.66 -22.19 -0.66
CA ARG B 62 -21.26 -21.02 -0.03
C ARG B 62 -20.33 -19.80 -0.16
N GLN B 63 -20.86 -18.73 -0.75
CA GLN B 63 -20.12 -17.47 -0.81
C GLN B 63 -20.90 -16.36 -0.10
N THR B 64 -20.31 -15.85 0.96
CA THR B 64 -20.93 -14.85 1.82
C THR B 64 -20.06 -13.59 1.82
N PRO B 65 -20.61 -12.43 2.28
CA PRO B 65 -19.81 -11.20 2.34
C PRO B 65 -18.47 -11.36 3.06
N ARG B 66 -18.43 -12.24 4.06
CA ARG B 66 -17.22 -12.46 4.85
C ARG B 66 -16.10 -13.16 4.07
N ASN B 67 -16.44 -14.26 3.39
CA ASN B 67 -15.43 -15.14 2.82
C ASN B 67 -15.07 -14.91 1.34
N ARG B 68 -15.29 -13.68 0.85
CA ARG B 68 -15.00 -13.33 -0.54
C ARG B 68 -13.56 -13.63 -0.97
N GLY B 69 -12.60 -13.37 -0.07
CA GLY B 69 -11.18 -13.61 -0.33
C GLY B 69 -10.86 -15.03 -0.75
N MET B 70 -11.66 -15.99 -0.27
CA MET B 70 -11.47 -17.41 -0.58
C MET B 70 -11.77 -17.73 -2.04
N PHE B 71 -12.54 -16.87 -2.69
CA PHE B 71 -12.95 -17.07 -4.08
C PHE B 71 -12.25 -16.08 -5.01
N MET B 72 -11.32 -15.31 -4.46
CA MET B 72 -10.52 -14.37 -5.24
C MET B 72 -9.17 -14.98 -5.61
N LYS B 73 -8.47 -14.34 -6.55
CA LYS B 73 -7.23 -14.87 -7.14
C LYS B 73 -6.23 -15.37 -6.09
N PRO B 74 -5.48 -16.45 -6.41
CA PRO B 74 -4.45 -16.96 -5.49
C PRO B 74 -3.50 -15.86 -5.01
N GLY B 75 -3.24 -15.84 -3.71
CA GLY B 75 -2.45 -14.77 -3.09
C GLY B 75 -3.30 -13.78 -2.31
N THR B 76 -4.61 -13.83 -2.52
CA THR B 76 -5.53 -12.91 -1.83
C THR B 76 -5.70 -13.28 -0.36
N LEU B 77 -5.66 -12.27 0.49
CA LEU B 77 -5.81 -12.46 1.93
C LEU B 77 -7.28 -12.58 2.33
N TYR B 78 -7.56 -13.57 3.17
CA TYR B 78 -8.86 -13.68 3.83
C TYR B 78 -8.64 -13.56 5.33
N VAL B 79 -8.96 -12.39 5.87
CA VAL B 79 -8.82 -12.13 7.29
C VAL B 79 -10.20 -11.93 7.90
N TYR B 80 -10.56 -12.84 8.81
CA TYR B 80 -11.85 -12.76 9.48
C TYR B 80 -11.74 -12.74 11.00
N ILE B 81 -12.79 -12.25 11.65
CA ILE B 81 -12.83 -12.16 13.12
C ILE B 81 -13.49 -13.42 13.68
N ILE B 82 -12.81 -14.07 14.61
CA ILE B 82 -13.31 -15.29 15.24
C ILE B 82 -13.48 -15.06 16.75
N TYR B 83 -14.56 -15.62 17.29
CA TYR B 83 -14.94 -15.45 18.71
C TYR B 83 -15.08 -13.97 19.11
N GLY B 84 -15.31 -13.12 18.12
CA GLY B 84 -15.58 -11.70 18.35
C GLY B 84 -14.41 -10.79 18.66
N MET B 85 -13.21 -11.36 18.80
CA MET B 85 -12.05 -10.61 19.29
C MET B 85 -10.71 -11.02 18.68
N TYR B 86 -10.72 -12.12 17.94
CA TYR B 86 -9.49 -12.68 17.37
C TYR B 86 -9.54 -12.74 15.85
N PHE B 87 -8.38 -12.61 15.22
CA PHE B 87 -8.28 -12.65 13.76
C PHE B 87 -7.63 -13.94 13.26
N CYS B 88 -8.05 -14.39 12.09
CA CYS B 88 -7.41 -15.51 11.41
C CYS B 88 -6.97 -15.07 10.01
N MET B 89 -5.69 -15.28 9.71
CA MET B 89 -5.14 -14.86 8.42
C MET B 89 -5.03 -16.04 7.46
N ASN B 90 -5.86 -16.01 6.43
CA ASN B 90 -5.83 -17.03 5.37
C ASN B 90 -5.32 -16.45 4.06
N ILE B 91 -4.77 -17.33 3.22
CA ILE B 91 -4.31 -16.93 1.90
C ILE B 91 -4.97 -17.83 0.86
N SER B 92 -5.64 -17.21 -0.10
CA SER B 92 -6.29 -17.92 -1.19
C SER B 92 -5.28 -18.72 -2.02
N SER B 93 -5.66 -19.95 -2.35
CA SER B 93 -4.84 -20.84 -3.17
C SER B 93 -5.55 -21.10 -4.49
N GLN B 94 -4.92 -21.88 -5.36
CA GLN B 94 -5.56 -22.32 -6.59
C GLN B 94 -6.66 -23.32 -6.25
N GLY B 95 -7.84 -23.13 -6.85
CA GLY B 95 -8.99 -23.99 -6.62
C GLY B 95 -10.17 -23.27 -6.01
N ASP B 96 -11.36 -23.57 -6.52
CA ASP B 96 -12.61 -22.93 -6.09
C ASP B 96 -12.80 -22.97 -4.57
N GLY B 97 -12.81 -21.79 -3.96
CA GLY B 97 -13.05 -21.63 -2.52
C GLY B 97 -11.98 -22.21 -1.62
N ALA B 98 -10.76 -22.38 -2.15
CA ALA B 98 -9.66 -22.98 -1.40
C ALA B 98 -8.68 -21.93 -0.85
N CYS B 99 -8.23 -22.15 0.39
CA CYS B 99 -7.29 -21.23 1.05
C CYS B 99 -6.40 -21.94 2.07
N VAL B 100 -5.41 -21.21 2.57
CA VAL B 100 -4.47 -21.72 3.58
C VAL B 100 -4.44 -20.80 4.80
N LEU B 101 -4.71 -21.37 5.97
CA LEU B 101 -4.54 -20.67 7.25
C LEU B 101 -3.09 -20.74 7.71
N LEU B 102 -2.55 -19.61 8.14
CA LEU B 102 -1.26 -19.59 8.85
C LEU B 102 -1.51 -19.74 10.34
N ARG B 103 -0.86 -20.75 10.94
CA ARG B 103 -1.14 -21.09 12.33
C ARG B 103 -0.03 -20.75 13.33
N ALA B 104 1.22 -20.69 12.87
CA ALA B 104 2.35 -20.39 13.76
C ALA B 104 3.57 -19.86 13.02
N LEU B 105 4.32 -19.00 13.71
CA LEU B 105 5.58 -18.45 13.17
C LEU B 105 6.71 -18.57 14.18
N GLU B 106 7.92 -18.77 13.69
CA GLU B 106 9.12 -18.54 14.49
C GLU B 106 9.45 -17.06 14.39
N PRO B 107 9.37 -16.32 15.52
CA PRO B 107 9.71 -14.90 15.49
C PRO B 107 11.19 -14.69 15.20
N LEU B 108 11.49 -13.82 14.23
CA LEU B 108 12.86 -13.60 13.77
C LEU B 108 13.35 -12.16 13.97
N GLU B 109 12.43 -11.21 13.87
CA GLU B 109 12.80 -9.79 13.93
C GLU B 109 11.67 -8.93 14.48
N GLY B 110 12.02 -8.00 15.37
CA GLY B 110 11.05 -7.08 15.97
C GLY B 110 10.25 -7.71 17.08
N LEU B 111 10.91 -8.58 17.84
CA LEU B 111 10.27 -9.34 18.91
C LEU B 111 9.74 -8.47 20.05
N GLU B 112 10.38 -7.33 20.27
CA GLU B 112 9.95 -6.41 21.33
C GLU B 112 8.69 -5.65 20.96
N THR B 113 8.49 -5.41 19.66
CA THR B 113 7.25 -4.82 19.17
C THR B 113 6.12 -5.85 19.20
N MET B 114 6.44 -7.09 18.80
CA MET B 114 5.50 -8.21 18.88
C MET B 114 4.97 -8.37 20.31
N ARG B 115 5.89 -8.31 21.27
CA ARG B 115 5.57 -8.49 22.69
C ARG B 115 4.65 -7.39 23.21
N GLN B 116 4.89 -6.15 22.77
CA GLN B 116 4.06 -5.01 23.15
C GLN B 116 2.67 -5.10 22.52
N LEU B 117 2.61 -5.59 21.28
CA LEU B 117 1.34 -5.80 20.57
C LEU B 117 0.54 -6.97 21.14
N ARG B 118 1.25 -8.01 21.60
CA ARG B 118 0.62 -9.16 22.23
C ARG B 118 0.18 -8.86 23.67
N SER B 119 0.79 -7.84 24.26
CA SER B 119 0.46 -7.43 25.63
C SER B 119 -0.85 -6.66 25.72
N THR B 120 -1.14 -5.83 24.71
CA THR B 120 -2.29 -4.93 24.74
C THR B 120 -3.60 -5.58 25.22
N LEU B 121 -4.09 -6.58 24.47
CA LEU B 121 -5.34 -7.27 24.82
C LEU B 121 -5.17 -8.15 26.07
N ARG B 122 -4.00 -8.77 26.19
CA ARG B 122 -3.72 -9.73 27.25
C ARG B 122 -3.42 -9.07 28.61
N LYS B 123 -2.48 -8.13 28.61
CA LYS B 123 -2.05 -7.44 29.84
C LYS B 123 -3.17 -6.60 30.43
N GLY B 124 -4.04 -6.08 29.57
CA GLY B 124 -5.25 -5.39 29.99
C GLY B 124 -6.13 -6.31 30.81
N THR B 125 -6.61 -7.38 30.18
CA THR B 125 -7.41 -8.41 30.84
C THR B 125 -6.56 -9.24 31.79
N ARG B 128 0.99 -12.45 33.74
CA ARG B 128 1.96 -11.47 33.26
C ARG B 128 3.28 -12.11 32.85
N VAL B 129 4.15 -11.30 32.23
CA VAL B 129 5.41 -11.75 31.60
C VAL B 129 5.14 -12.60 30.35
N LEU B 130 5.53 -12.09 29.19
CA LEU B 130 5.29 -12.75 27.91
C LEU B 130 6.56 -13.36 27.32
N LYS B 131 6.59 -14.69 27.24
CA LYS B 131 7.76 -15.41 26.71
C LYS B 131 7.73 -15.48 25.19
N ASP B 132 8.90 -15.73 24.59
CA ASP B 132 9.07 -15.76 23.14
C ASP B 132 8.19 -16.79 22.42
N ARG B 133 8.02 -17.95 23.05
CA ARG B 133 7.22 -19.04 22.50
C ARG B 133 5.72 -18.74 22.49
N GLU B 134 5.31 -17.67 23.16
CA GLU B 134 3.90 -17.29 23.23
C GLU B 134 3.54 -16.13 22.30
N LEU B 135 4.51 -15.69 21.50
CA LEU B 135 4.31 -14.55 20.60
C LEU B 135 3.50 -14.90 19.36
N CYS B 136 3.86 -15.99 18.71
CA CYS B 136 3.27 -16.36 17.41
C CYS B 136 2.78 -17.81 17.35
N SER B 137 2.64 -18.45 18.51
CA SER B 137 2.22 -19.85 18.58
C SER B 137 0.69 -20.01 18.51
N GLY B 138 0.11 -19.53 17.41
CA GLY B 138 -1.33 -19.57 17.21
C GLY B 138 -1.77 -18.62 16.11
N PRO B 139 -2.85 -18.95 15.38
CA PRO B 139 -3.32 -18.16 14.24
C PRO B 139 -3.71 -16.71 14.61
N SER B 140 -4.28 -16.55 15.80
CA SER B 140 -4.71 -15.24 16.30
C SER B 140 -3.60 -14.53 17.06
N LYS B 141 -2.72 -15.31 17.69
CA LYS B 141 -1.54 -14.77 18.35
C LYS B 141 -0.65 -14.07 17.34
N LEU B 142 -0.41 -14.72 16.20
CA LEU B 142 0.45 -14.17 15.16
C LEU B 142 -0.16 -12.93 14.49
N CYS B 143 -1.48 -12.91 14.38
CA CYS B 143 -2.18 -11.72 13.87
C CYS B 143 -1.98 -10.52 14.81
N GLN B 144 -2.10 -10.75 16.11
CA GLN B 144 -1.80 -9.74 17.12
C GLN B 144 -0.35 -9.28 17.03
N ALA B 145 0.57 -10.25 17.02
CA ALA B 145 2.01 -9.99 17.01
C ALA B 145 2.47 -9.19 15.80
N LEU B 146 1.81 -9.40 14.66
CA LEU B 146 2.17 -8.71 13.41
C LEU B 146 1.17 -7.63 13.00
N ALA B 147 0.35 -7.19 13.95
CA ALA B 147 -0.66 -6.15 13.73
C ALA B 147 -1.54 -6.38 12.49
N ILE B 148 -2.00 -7.62 12.33
CA ILE B 148 -2.92 -7.98 11.26
C ILE B 148 -4.34 -7.88 11.79
N ASN B 149 -5.19 -7.13 11.07
CA ASN B 149 -6.62 -7.08 11.36
C ASN B 149 -7.44 -7.11 10.08
N LYS B 150 -8.73 -6.78 10.19
CA LYS B 150 -9.67 -6.88 9.07
C LYS B 150 -9.36 -5.93 7.89
N SER B 151 -8.58 -4.88 8.14
CA SER B 151 -8.17 -3.96 7.07
C SER B 151 -7.18 -4.62 6.09
N PHE B 152 -6.71 -5.81 6.45
CA PHE B 152 -5.85 -6.60 5.57
C PHE B 152 -6.65 -7.60 4.71
N ASP B 153 -7.95 -7.69 4.97
CA ASP B 153 -8.83 -8.57 4.22
C ASP B 153 -8.89 -8.18 2.75
N GLN B 154 -8.86 -9.19 1.88
CA GLN B 154 -8.98 -9.04 0.42
C GLN B 154 -7.81 -8.33 -0.27
N ARG B 155 -6.73 -8.10 0.46
CA ARG B 155 -5.50 -7.56 -0.11
C ARG B 155 -4.71 -8.68 -0.79
N ASP B 156 -3.78 -8.28 -1.66
CA ASP B 156 -2.95 -9.23 -2.41
C ASP B 156 -1.57 -9.34 -1.77
N LEU B 157 -1.23 -10.54 -1.29
CA LEU B 157 0.04 -10.78 -0.60
C LEU B 157 1.26 -10.70 -1.54
N ALA B 158 1.03 -10.85 -2.84
CA ALA B 158 2.09 -10.77 -3.85
C ALA B 158 2.46 -9.32 -4.22
N GLN B 159 1.58 -8.38 -3.91
CA GLN B 159 1.74 -6.99 -4.37
C GLN B 159 1.76 -5.94 -3.26
N ASP B 160 1.25 -6.29 -2.08
CA ASP B 160 1.03 -5.33 -1.00
C ASP B 160 2.30 -4.71 -0.44
N GLU B 161 2.21 -3.41 -0.13
CA GLU B 161 3.33 -2.62 0.37
C GLU B 161 3.65 -2.90 1.84
N ALA B 162 2.63 -3.21 2.64
CA ALA B 162 2.78 -3.33 4.09
C ALA B 162 2.99 -4.77 4.57
N VAL B 163 2.70 -5.74 3.72
CA VAL B 163 2.85 -7.15 4.06
C VAL B 163 3.24 -7.98 2.83
N TRP B 164 4.23 -8.85 3.00
CA TRP B 164 4.70 -9.71 1.92
C TRP B 164 5.40 -10.97 2.41
N LEU B 165 5.71 -11.85 1.47
CA LEU B 165 6.39 -13.10 1.77
C LEU B 165 7.75 -13.14 1.07
N GLU B 166 8.80 -13.34 1.86
CA GLU B 166 10.15 -13.54 1.34
C GLU B 166 10.48 -15.03 1.36
N ARG B 167 11.22 -15.49 0.36
CA ARG B 167 11.66 -16.88 0.33
C ARG B 167 12.82 -17.09 1.31
N GLY B 168 12.53 -17.79 2.41
CA GLY B 168 13.52 -18.08 3.45
C GLY B 168 14.52 -19.15 3.05
N PRO B 169 15.69 -19.18 3.73
CA PRO B 169 16.76 -20.12 3.39
C PRO B 169 16.59 -21.52 3.96
N LEU B 170 15.70 -21.68 4.95
CA LEU B 170 15.54 -22.96 5.64
C LEU B 170 14.19 -23.64 5.37
N GLU B 171 14.07 -24.25 4.19
CA GLU B 171 12.88 -25.01 3.82
C GLU B 171 13.00 -26.46 4.30
N PRO B 172 11.96 -26.98 4.97
CA PRO B 172 11.98 -28.39 5.38
C PRO B 172 11.71 -29.32 4.19
N SER B 173 12.36 -30.48 4.20
CA SER B 173 12.14 -31.49 3.17
C SER B 173 10.89 -32.32 3.48
N GLU B 174 10.52 -33.19 2.55
CA GLU B 174 9.33 -34.04 2.67
C GLU B 174 9.26 -34.85 3.98
N PRO B 175 10.38 -35.50 4.40
CA PRO B 175 10.33 -36.27 5.65
C PRO B 175 10.18 -35.41 6.92
N ALA B 176 10.47 -34.12 6.82
CA ALA B 176 10.43 -33.22 7.98
C ALA B 176 9.06 -32.58 8.23
N VAL B 177 8.10 -32.86 7.34
CA VAL B 177 6.77 -32.28 7.44
C VAL B 177 5.78 -33.28 8.08
N VAL B 178 5.20 -32.88 9.21
CA VAL B 178 4.17 -33.68 9.88
C VAL B 178 2.80 -33.30 9.34
N ALA B 179 2.09 -34.29 8.78
CA ALA B 179 0.71 -34.11 8.36
C ALA B 179 -0.21 -34.63 9.46
N ALA B 180 -1.11 -33.78 9.93
CA ALA B 180 -1.97 -34.10 11.07
C ALA B 180 -3.37 -33.53 10.92
N ALA B 181 -4.27 -33.96 11.81
CA ALA B 181 -5.63 -33.45 11.88
C ALA B 181 -5.64 -31.96 12.21
N ARG B 182 -6.64 -31.26 11.68
CA ARG B 182 -6.77 -29.82 11.89
C ARG B 182 -7.30 -29.49 13.29
N VAL B 183 -7.07 -28.24 13.71
CA VAL B 183 -7.46 -27.77 15.03
C VAL B 183 -8.80 -27.03 15.00
N GLY B 184 -9.69 -27.38 15.92
CA GLY B 184 -10.92 -26.64 16.16
C GLY B 184 -12.04 -26.80 15.15
N VAL B 185 -12.26 -28.04 14.71
CA VAL B 185 -13.36 -28.34 13.77
C VAL B 185 -14.43 -29.22 14.41
N ALA B 188 -16.46 -34.57 14.83
CA ALA B 188 -17.40 -34.12 13.80
C ALA B 188 -17.53 -35.13 12.65
N GLY B 189 -16.46 -35.86 12.38
CA GLY B 189 -16.48 -36.91 11.36
C GLY B 189 -15.32 -36.92 10.40
N GLU B 190 -15.64 -37.04 9.11
CA GLU B 190 -14.66 -37.30 8.05
C GLU B 190 -13.65 -36.17 7.83
N TRP B 191 -14.13 -34.93 7.78
CA TRP B 191 -13.27 -33.78 7.51
C TRP B 191 -12.59 -33.21 8.76
N ALA B 192 -13.07 -33.61 9.92
CA ALA B 192 -12.45 -33.26 11.19
C ALA B 192 -11.16 -34.04 11.41
N ARG B 193 -11.04 -35.17 10.71
CA ARG B 193 -9.93 -36.09 10.90
C ARG B 193 -8.95 -36.15 9.72
N LYS B 194 -9.31 -35.50 8.60
CA LYS B 194 -8.44 -35.39 7.43
C LYS B 194 -7.09 -34.79 7.81
N PRO B 195 -5.98 -35.36 7.30
CA PRO B 195 -4.66 -34.84 7.63
C PRO B 195 -4.30 -33.62 6.79
N LEU B 196 -4.85 -32.47 7.18
CA LEU B 196 -4.68 -31.23 6.41
C LEU B 196 -4.01 -30.10 7.20
N ARG B 197 -3.43 -30.45 8.34
CA ARG B 197 -2.57 -29.54 9.11
C ARG B 197 -1.12 -29.99 8.95
N PHE B 198 -0.25 -29.06 8.60
CA PHE B 198 1.15 -29.38 8.31
C PHE B 198 2.08 -28.50 9.14
N TYR B 199 3.01 -29.15 9.86
CA TYR B 199 3.98 -28.41 10.68
C TYR B 199 5.36 -29.07 10.70
N VAL B 200 6.39 -28.25 10.97
CA VAL B 200 7.77 -28.70 11.03
C VAL B 200 7.98 -29.59 12.26
N ARG B 201 8.47 -30.80 12.02
CA ARG B 201 8.74 -31.76 13.10
C ARG B 201 9.80 -31.23 14.05
N GLY B 202 9.47 -31.24 15.34
CA GLY B 202 10.42 -30.86 16.39
C GLY B 202 10.50 -29.38 16.71
N SER B 203 9.74 -28.57 15.97
CA SER B 203 9.73 -27.12 16.17
C SER B 203 9.05 -26.76 17.48
N PRO B 204 9.71 -25.92 18.30
CA PRO B 204 9.13 -25.44 19.55
C PRO B 204 8.13 -24.29 19.34
N TRP B 205 8.02 -23.81 18.11
CA TRP B 205 7.20 -22.64 17.79
C TRP B 205 5.79 -23.03 17.31
N VAL B 206 5.55 -24.34 17.15
CA VAL B 206 4.25 -24.86 16.71
C VAL B 206 3.21 -24.72 17.82
N SER B 207 1.98 -24.38 17.44
CA SER B 207 0.89 -24.14 18.38
C SER B 207 0.45 -25.41 19.13
N VAL B 208 0.15 -26.47 18.39
CA VAL B 208 -0.30 -27.73 18.98
C VAL B 208 0.49 -28.89 18.39
N VAL B 209 1.12 -29.68 19.26
CA VAL B 209 1.87 -30.86 18.84
C VAL B 209 0.95 -32.09 18.85
N ASP B 210 1.04 -32.90 17.80
CA ASP B 210 0.28 -34.14 17.68
C ASP B 210 1.24 -35.32 17.73
N ARG B 211 1.36 -35.95 18.91
CA ARG B 211 2.31 -37.05 19.12
C ARG B 211 1.95 -38.29 18.31
N VAL B 212 0.66 -38.54 18.15
CA VAL B 212 0.15 -39.72 17.44
C VAL B 212 0.48 -39.65 15.94
N ALA B 213 0.37 -38.45 15.38
CA ALA B 213 0.67 -38.22 13.96
C ALA B 213 2.17 -38.24 13.68
N GLU B 214 2.98 -38.16 14.75
CA GLU B 214 4.43 -38.23 14.65
C GLU B 214 4.92 -39.67 14.82
#